data_8PI6
#
_entry.id   8PI6
#
_cell.length_a   53.240
_cell.length_b   60.020
_cell.length_c   90.460
_cell.angle_alpha   90.000
_cell.angle_beta   90.000
_cell.angle_gamma   90.000
#
_symmetry.space_group_name_H-M   'P 21 21 21'
#
loop_
_entity.id
_entity.type
_entity.pdbx_description
1 polymer 'Insulin B chain,Insulin A chain'
2 water water
#
_entity_poly.entity_id   1
_entity_poly.type   'polypeptide(L)'
_entity_poly.pdbx_seq_one_letter_code
;EEGEPRFVEQHLCGSHLVEALYLVCGERGFFETPRSEDWWRGIVEQCCTSICSLYQLENYCNK
;
_entity_poly.pdbx_strand_id   A,B,C,D,E
#
# COMPACT_ATOMS: atom_id res chain seq x y z
N GLY A 3 24.39 -25.03 -9.01
CA GLY A 3 23.12 -25.38 -8.42
C GLY A 3 22.70 -24.44 -7.30
N GLU A 4 22.63 -23.15 -7.62
CA GLU A 4 22.24 -22.16 -6.62
C GLU A 4 20.73 -22.24 -6.38
N PRO A 5 20.29 -22.07 -5.12
CA PRO A 5 18.85 -22.18 -4.83
C PRO A 5 18.01 -21.08 -5.45
N ARG A 6 18.60 -19.94 -5.84
CA ARG A 6 17.82 -18.86 -6.41
C ARG A 6 17.24 -19.18 -7.77
N PHE A 7 17.63 -20.30 -8.38
CA PHE A 7 17.10 -20.72 -9.67
C PHE A 7 15.91 -21.66 -9.56
N VAL A 8 15.51 -22.03 -8.34
CA VAL A 8 14.38 -22.93 -8.15
C VAL A 8 13.09 -22.12 -8.29
N GLU A 9 12.27 -22.50 -9.28
CA GLU A 9 11.00 -21.83 -9.47
C GLU A 9 10.02 -22.21 -8.37
N GLN A 10 9.09 -21.30 -8.10
CA GLN A 10 8.08 -21.52 -7.06
C GLN A 10 6.91 -20.60 -7.34
N HIS A 11 5.85 -20.77 -6.53
CA HIS A 11 4.66 -19.92 -6.62
C HIS A 11 4.84 -18.73 -5.69
N LEU A 12 5.01 -17.55 -6.28
CA LEU A 12 5.17 -16.30 -5.52
C LEU A 12 3.84 -15.56 -5.53
N CYS A 13 3.05 -15.76 -4.47
CA CYS A 13 1.73 -15.15 -4.37
C CYS A 13 1.59 -14.42 -3.05
N GLY A 14 0.73 -13.40 -3.04
CA GLY A 14 0.42 -12.70 -1.81
C GLY A 14 1.64 -11.99 -1.25
N SER A 15 1.87 -12.19 0.06
CA SER A 15 3.02 -11.57 0.71
C SER A 15 4.34 -12.17 0.25
N HIS A 16 4.33 -13.41 -0.24
CA HIS A 16 5.56 -14.01 -0.75
C HIS A 16 6.10 -13.24 -1.94
N LEU A 17 5.21 -12.79 -2.82
CA LEU A 17 5.65 -12.06 -4.01
C LEU A 17 6.13 -10.66 -3.65
N VAL A 18 5.43 -9.99 -2.72
CA VAL A 18 5.84 -8.66 -2.29
C VAL A 18 7.22 -8.73 -1.64
N GLU A 19 7.42 -9.69 -0.74
CA GLU A 19 8.70 -9.81 -0.05
C GLU A 19 9.82 -10.21 -1.02
N ALA A 20 9.51 -11.00 -2.04
CA ALA A 20 10.52 -11.39 -3.01
C ALA A 20 10.99 -10.19 -3.83
N LEU A 21 10.07 -9.28 -4.14
CA LEU A 21 10.46 -8.07 -4.88
C LEU A 21 11.34 -7.16 -4.03
N TYR A 22 11.00 -7.01 -2.75
CA TYR A 22 11.87 -6.25 -1.85
C TYR A 22 13.24 -6.88 -1.73
N LEU A 23 13.33 -8.21 -1.87
CA LEU A 23 14.59 -8.91 -1.62
C LEU A 23 15.53 -8.84 -2.82
N VAL A 24 15.03 -9.15 -4.02
CA VAL A 24 15.89 -9.25 -5.19
C VAL A 24 15.87 -7.99 -6.06
N CYS A 25 14.82 -7.18 -5.99
CA CYS A 25 14.74 -5.96 -6.78
C CYS A 25 14.95 -4.69 -5.98
N GLY A 26 14.63 -4.70 -4.68
CA GLY A 26 14.78 -3.54 -3.85
C GLY A 26 13.78 -2.45 -4.18
N GLU A 27 13.66 -1.45 -3.30
CA GLU A 27 12.76 -0.33 -3.57
C GLU A 27 13.45 0.78 -4.35
N ARG A 28 14.73 1.04 -4.06
CA ARG A 28 15.47 2.07 -4.78
C ARG A 28 15.85 1.56 -6.17
N GLY A 29 15.57 2.37 -7.19
CA GLY A 29 15.91 2.02 -8.55
C GLY A 29 14.72 1.75 -9.44
N PHE A 30 14.37 0.47 -9.61
CA PHE A 30 13.30 0.10 -10.53
C PHE A 30 11.94 0.57 -10.02
N PHE A 31 11.62 0.27 -8.77
CA PHE A 31 10.30 0.57 -8.22
C PHE A 31 10.17 2.01 -7.73
N GLU A 32 11.22 2.82 -7.86
CA GLU A 32 11.09 4.24 -7.52
C GLU A 32 10.13 4.95 -8.47
N THR A 33 10.02 4.46 -9.71
CA THR A 33 9.04 4.94 -10.67
C THR A 33 7.91 3.93 -10.79
N PRO A 34 6.66 4.34 -10.60
CA PRO A 34 5.55 3.38 -10.65
C PRO A 34 5.44 2.69 -12.00
N ARG A 35 5.24 1.38 -11.96
CA ARG A 35 5.11 0.58 -13.17
C ARG A 35 3.67 0.65 -13.67
N SER A 36 3.37 -0.13 -14.71
CA SER A 36 2.05 -0.14 -15.31
C SER A 36 1.23 -1.33 -14.80
N GLU A 37 -0.09 -1.21 -14.94
CA GLU A 37 -0.97 -2.30 -14.54
C GLU A 37 -0.74 -3.55 -15.37
N ASP A 38 -0.36 -3.38 -16.64
CA ASP A 38 -0.04 -4.53 -17.48
C ASP A 38 1.27 -5.18 -17.05
N TRP A 39 2.24 -4.37 -16.61
CA TRP A 39 3.48 -4.93 -16.08
C TRP A 39 3.21 -5.73 -14.82
N TRP A 40 2.34 -5.22 -13.93
CA TRP A 40 2.00 -5.96 -12.73
C TRP A 40 1.19 -7.21 -13.05
N ARG A 41 0.37 -7.17 -14.11
CA ARG A 41 -0.38 -8.35 -14.51
C ARG A 41 0.56 -9.46 -14.98
N GLY A 42 1.64 -9.09 -15.67
CA GLY A 42 2.57 -10.09 -16.16
C GLY A 42 3.40 -10.73 -15.05
N ILE A 43 3.70 -9.97 -14.00
CA ILE A 43 4.47 -10.52 -12.88
C ILE A 43 3.64 -11.54 -12.12
N VAL A 44 2.38 -11.20 -11.82
CA VAL A 44 1.50 -12.14 -11.13
C VAL A 44 1.25 -13.37 -12.00
N GLU A 45 1.15 -13.17 -13.32
CA GLU A 45 0.93 -14.30 -14.21
C GLU A 45 2.13 -15.24 -14.24
N GLN A 46 3.35 -14.68 -14.30
CA GLN A 46 4.53 -15.50 -14.45
C GLN A 46 5.06 -16.04 -13.13
N CYS A 47 4.65 -15.48 -12.00
CA CYS A 47 5.18 -15.88 -10.71
C CYS A 47 4.15 -16.43 -9.73
N CYS A 48 2.90 -15.98 -9.81
CA CYS A 48 1.85 -16.50 -8.95
C CYS A 48 1.03 -17.60 -9.63
N THR A 49 0.47 -17.31 -10.81
CA THR A 49 -0.25 -18.33 -11.55
C THR A 49 0.70 -19.42 -12.04
N SER A 50 1.70 -19.04 -12.82
CA SER A 50 2.78 -19.95 -13.18
C SER A 50 3.79 -19.99 -12.04
N ILE A 51 5.02 -20.42 -12.34
CA ILE A 51 6.09 -20.42 -11.34
C ILE A 51 7.29 -19.69 -11.92
N CYS A 52 8.00 -18.97 -11.05
CA CYS A 52 9.21 -18.25 -11.43
C CYS A 52 10.22 -18.35 -10.29
N SER A 53 11.48 -18.15 -10.63
CA SER A 53 12.56 -18.20 -9.66
C SER A 53 12.94 -16.78 -9.22
N LEU A 54 13.70 -16.71 -8.12
CA LEU A 54 14.19 -15.42 -7.66
C LEU A 54 15.13 -14.80 -8.68
N TYR A 55 15.91 -15.63 -9.38
CA TYR A 55 16.77 -15.13 -10.44
C TYR A 55 15.94 -14.61 -11.62
N GLN A 56 14.89 -15.33 -11.99
CA GLN A 56 14.00 -14.85 -13.05
C GLN A 56 13.29 -13.57 -12.64
N LEU A 57 12.91 -13.46 -11.36
CA LEU A 57 12.26 -12.25 -10.88
C LEU A 57 13.22 -11.06 -10.90
N GLU A 58 14.51 -11.30 -10.66
CA GLU A 58 15.49 -10.22 -10.71
C GLU A 58 15.63 -9.66 -12.11
N ASN A 59 15.50 -10.49 -13.14
CA ASN A 59 15.63 -10.03 -14.52
C ASN A 59 14.44 -9.16 -14.94
N TYR A 60 13.29 -9.29 -14.29
CA TYR A 60 12.16 -8.42 -14.60
C TYR A 60 12.44 -6.99 -14.14
N CYS A 61 13.26 -6.82 -13.12
CA CYS A 61 13.63 -5.49 -12.63
C CYS A 61 14.97 -5.00 -13.19
N ASN A 62 15.66 -5.83 -13.95
CA ASN A 62 16.95 -5.48 -14.57
C ASN A 62 17.96 -5.01 -13.53
N PRO B 5 -4.00 -22.41 1.82
CA PRO B 5 -2.75 -22.36 2.58
C PRO B 5 -2.89 -21.69 3.94
N ARG B 6 -1.98 -20.78 4.26
CA ARG B 6 -2.09 -19.97 5.46
C ARG B 6 -2.70 -18.62 5.10
N PHE B 7 -3.22 -17.94 6.13
CA PHE B 7 -3.81 -16.62 5.91
C PHE B 7 -2.74 -15.61 5.52
N VAL B 8 -1.53 -15.74 6.08
CA VAL B 8 -0.44 -14.84 5.74
C VAL B 8 0.00 -15.00 4.29
N GLU B 9 -0.30 -16.14 3.67
CA GLU B 9 0.22 -16.45 2.34
C GLU B 9 -0.48 -15.63 1.26
N GLN B 10 -1.82 -15.63 1.25
CA GLN B 10 -2.58 -15.03 0.18
C GLN B 10 -3.24 -13.70 0.54
N HIS B 11 -3.43 -13.42 1.83
CA HIS B 11 -4.06 -12.19 2.27
C HIS B 11 -3.00 -11.16 2.66
N LEU B 12 -3.28 -9.90 2.37
CA LEU B 12 -2.37 -8.78 2.67
C LEU B 12 -3.01 -7.94 3.76
N CYS B 13 -2.47 -8.02 4.97
CA CYS B 13 -2.99 -7.30 6.11
C CYS B 13 -1.85 -6.73 6.94
N GLY B 14 -2.13 -5.62 7.62
CA GLY B 14 -1.15 -5.04 8.52
C GLY B 14 0.06 -4.51 7.78
N SER B 15 1.24 -4.86 8.27
CA SER B 15 2.48 -4.38 7.66
C SER B 15 2.67 -4.95 6.26
N HIS B 16 2.13 -6.14 5.98
CA HIS B 16 2.25 -6.70 4.65
C HIS B 16 1.43 -5.91 3.64
N LEU B 17 0.24 -5.44 4.05
CA LEU B 17 -0.55 -4.58 3.17
C LEU B 17 0.16 -3.25 2.94
N VAL B 18 0.75 -2.69 3.99
CA VAL B 18 1.51 -1.44 3.84
C VAL B 18 2.72 -1.66 2.94
N GLU B 19 3.38 -2.82 3.08
CA GLU B 19 4.52 -3.12 2.23
C GLU B 19 4.11 -3.22 0.76
N ALA B 20 2.93 -3.78 0.51
CA ALA B 20 2.46 -3.90 -0.87
C ALA B 20 2.10 -2.53 -1.44
N LEU B 21 1.38 -1.71 -0.67
CA LEU B 21 1.02 -0.38 -1.13
C LEU B 21 2.25 0.48 -1.36
N TYR B 22 3.28 0.32 -0.51
CA TYR B 22 4.52 1.06 -0.67
C TYR B 22 5.19 0.74 -1.99
N LEU B 23 5.46 -0.55 -2.23
CA LEU B 23 6.23 -0.95 -3.41
C LEU B 23 5.48 -0.71 -4.71
N VAL B 24 4.15 -0.64 -4.67
CA VAL B 24 3.36 -0.58 -5.90
C VAL B 24 2.87 0.84 -6.15
N CYS B 25 2.56 1.58 -5.09
CA CYS B 25 1.87 2.86 -5.21
C CYS B 25 2.78 3.99 -4.70
N GLY B 26 3.79 4.34 -5.50
CA GLY B 26 4.53 5.56 -5.31
C GLY B 26 5.56 5.58 -4.21
N GLU B 27 5.70 4.51 -3.44
CA GLU B 27 6.70 4.40 -2.37
C GLU B 27 6.42 5.50 -1.34
N ARG B 28 7.38 6.41 -1.07
CA ARG B 28 7.15 7.45 -0.08
C ARG B 28 6.07 8.43 -0.50
N GLY B 29 5.75 8.50 -1.80
CA GLY B 29 4.61 9.28 -2.24
C GLY B 29 3.29 8.78 -1.68
N PHE B 30 3.21 7.50 -1.31
CA PHE B 30 2.00 6.98 -0.68
C PHE B 30 1.80 7.57 0.70
N PHE B 31 2.88 7.96 1.38
CA PHE B 31 2.77 8.53 2.72
C PHE B 31 2.45 10.02 2.68
N GLU B 32 2.81 10.72 1.61
CA GLU B 32 2.57 12.15 1.53
C GLU B 32 1.13 12.48 1.15
N THR B 33 0.46 11.59 0.42
CA THR B 33 -0.94 11.81 0.05
C THR B 33 -1.84 11.05 1.00
N PRO B 34 -2.88 11.68 1.54
CA PRO B 34 -3.76 10.99 2.49
C PRO B 34 -4.82 10.17 1.76
N ARG B 35 -5.46 9.30 2.53
CA ARG B 35 -6.49 8.41 2.02
C ARG B 35 -7.73 8.51 2.88
N SER B 36 -8.89 8.53 2.23
CA SER B 36 -10.16 8.67 2.94
C SER B 36 -10.49 7.40 3.72
N GLU B 37 -11.58 7.48 4.49
CA GLU B 37 -12.03 6.31 5.25
C GLU B 37 -12.51 5.21 4.31
N ASP B 38 -13.34 5.56 3.33
CA ASP B 38 -13.86 4.57 2.39
C ASP B 38 -12.75 3.96 1.54
N TRP B 39 -11.63 4.67 1.35
CA TRP B 39 -10.51 4.10 0.62
C TRP B 39 -9.86 2.97 1.42
N TRP B 40 -9.56 3.23 2.70
CA TRP B 40 -8.97 2.20 3.55
C TRP B 40 -9.93 1.06 3.79
N ARG B 41 -11.23 1.33 3.81
CA ARG B 41 -12.21 0.26 3.99
C ARG B 41 -12.25 -0.66 2.78
N GLY B 42 -12.19 -0.08 1.58
CA GLY B 42 -12.23 -0.91 0.37
C GLY B 42 -10.96 -1.69 0.14
N ILE B 43 -9.81 -1.13 0.50
CA ILE B 43 -8.55 -1.85 0.30
C ILE B 43 -8.44 -3.01 1.29
N VAL B 44 -9.07 -2.89 2.46
CA VAL B 44 -9.11 -4.02 3.39
C VAL B 44 -10.11 -5.07 2.91
N GLU B 45 -11.26 -4.62 2.39
CA GLU B 45 -12.25 -5.55 1.87
C GLU B 45 -11.69 -6.37 0.71
N GLN B 46 -10.86 -5.74 -0.13
CA GLN B 46 -10.38 -6.41 -1.33
C GLN B 46 -9.11 -7.22 -1.10
N CYS B 47 -8.21 -6.76 -0.22
CA CYS B 47 -6.90 -7.37 -0.08
C CYS B 47 -6.63 -8.04 1.25
N CYS B 48 -7.41 -7.73 2.30
CA CYS B 48 -7.16 -8.28 3.62
C CYS B 48 -8.15 -9.38 3.98
N THR B 49 -9.44 -9.08 3.97
CA THR B 49 -10.46 -10.09 4.23
C THR B 49 -10.81 -10.88 2.98
N SER B 50 -10.27 -10.50 1.82
CA SER B 50 -10.43 -11.26 0.59
C SER B 50 -9.10 -11.24 -0.16
N ILE B 51 -8.95 -12.16 -1.09
CA ILE B 51 -7.71 -12.27 -1.85
C ILE B 51 -7.72 -11.27 -2.99
N CYS B 52 -6.66 -10.45 -3.07
CA CYS B 52 -6.47 -9.52 -4.16
C CYS B 52 -5.09 -9.74 -4.76
N SER B 53 -4.95 -9.36 -6.03
CA SER B 53 -3.68 -9.44 -6.73
C SER B 53 -3.02 -8.06 -6.78
N LEU B 54 -1.73 -8.06 -7.11
CA LEU B 54 -0.98 -6.81 -7.07
C LEU B 54 -1.38 -5.86 -8.19
N TYR B 55 -1.90 -6.37 -9.30
CA TYR B 55 -2.25 -5.48 -10.40
C TYR B 55 -3.56 -4.75 -10.11
N GLN B 56 -4.54 -5.41 -9.49
CA GLN B 56 -5.72 -4.70 -9.02
C GLN B 56 -5.45 -3.91 -7.75
N LEU B 57 -4.38 -4.25 -7.01
CA LEU B 57 -3.92 -3.39 -5.93
C LEU B 57 -3.50 -2.04 -6.47
N GLU B 58 -2.79 -2.02 -7.59
CA GLU B 58 -2.39 -0.75 -8.20
C GLU B 58 -3.60 0.00 -8.75
N ASN B 59 -4.58 -0.73 -9.29
CA ASN B 59 -5.78 -0.08 -9.81
C ASN B 59 -6.52 0.68 -8.71
N TYR B 60 -6.55 0.11 -7.51
CA TYR B 60 -7.22 0.77 -6.40
C TYR B 60 -6.46 2.00 -5.91
N CYS B 61 -5.15 2.07 -6.16
CA CYS B 61 -4.36 3.17 -5.64
C CYS B 61 -4.62 4.46 -6.42
N ASN B 62 -4.77 4.36 -7.74
CA ASN B 62 -5.02 5.55 -8.55
C ASN B 62 -6.50 5.63 -8.94
N GLN C 10 12.16 10.98 -1.77
CA GLN C 10 13.17 10.06 -1.26
C GLN C 10 13.43 10.32 0.22
N HIS C 11 12.83 11.37 0.75
CA HIS C 11 12.95 11.74 2.15
C HIS C 11 11.58 11.79 2.80
N LEU C 12 11.51 11.37 4.06
CA LEU C 12 10.29 11.42 4.85
C LEU C 12 10.53 12.33 6.05
N CYS C 13 9.81 13.45 6.10
CA CYS C 13 10.03 14.46 7.12
C CYS C 13 8.69 14.92 7.71
N GLY C 14 8.76 15.42 8.93
CA GLY C 14 7.61 16.06 9.56
C GLY C 14 6.45 15.13 9.72
N SER C 15 5.24 15.64 9.40
CA SER C 15 4.03 14.85 9.56
C SER C 15 4.07 13.61 8.67
N HIS C 16 4.63 13.74 7.46
CA HIS C 16 4.76 12.57 6.59
C HIS C 16 5.57 11.47 7.24
N LEU C 17 6.59 11.83 8.05
CA LEU C 17 7.34 10.83 8.79
C LEU C 17 6.50 10.23 9.90
N VAL C 18 5.72 11.05 10.61
CA VAL C 18 4.85 10.53 11.65
C VAL C 18 3.73 9.69 11.04
N GLU C 19 3.32 10.01 9.82
CA GLU C 19 2.32 9.18 9.12
C GLU C 19 2.83 7.76 8.95
N ALA C 20 3.98 7.60 8.29
CA ALA C 20 4.48 6.26 7.96
C ALA C 20 4.74 5.44 9.22
N LEU C 21 5.25 6.08 10.28
CA LEU C 21 5.43 5.37 11.54
C LEU C 21 4.09 4.92 12.10
N TYR C 22 3.09 5.80 12.06
CA TYR C 22 1.76 5.45 12.55
C TYR C 22 1.16 4.30 11.76
N LEU C 23 1.47 4.20 10.46
CA LEU C 23 0.94 3.13 9.64
C LEU C 23 1.72 1.83 9.79
N VAL C 24 3.02 1.91 10.07
CA VAL C 24 3.85 0.72 10.11
C VAL C 24 3.53 -0.13 11.34
N CYS C 25 3.52 0.49 12.51
CA CYS C 25 3.26 -0.23 13.76
C CYS C 25 1.83 -0.05 14.25
N GLY C 26 0.99 0.68 13.53
CA GLY C 26 -0.39 0.85 13.94
C GLY C 26 -0.53 1.77 15.14
N GLU C 27 -1.78 1.88 15.61
CA GLU C 27 -2.08 2.74 16.74
C GLU C 27 -1.51 2.20 18.04
N ARG C 28 -1.43 0.87 18.18
CA ARG C 28 -0.93 0.28 19.42
C ARG C 28 0.58 0.44 19.53
N GLY C 29 1.31 -0.03 18.52
CA GLY C 29 2.77 0.01 18.56
C GLY C 29 3.36 1.40 18.45
N PHE C 30 2.52 2.43 18.55
CA PHE C 30 2.98 3.81 18.48
C PHE C 30 2.79 4.60 19.77
N PHE C 31 1.84 4.20 20.63
CA PHE C 31 1.53 4.94 21.84
C PHE C 31 1.73 4.16 23.13
N GLU C 32 1.68 2.82 23.09
CA GLU C 32 1.77 2.04 24.32
C GLU C 32 3.14 2.12 24.98
N THR C 33 4.15 2.63 24.29
CA THR C 33 5.48 2.83 24.87
C THR C 33 5.86 4.30 24.83
N PRO C 34 6.50 4.82 25.87
CA PRO C 34 6.87 6.24 25.89
C PRO C 34 7.94 6.54 24.85
N ARG C 35 7.74 7.63 24.12
CA ARG C 35 8.65 8.05 23.05
C ARG C 35 9.19 9.44 23.37
N SER C 36 10.50 9.58 23.38
CA SER C 36 11.17 10.82 23.77
C SER C 36 11.72 11.53 22.54
N GLU C 37 12.44 12.63 22.79
CA GLU C 37 13.04 13.40 21.70
C GLU C 37 14.25 12.69 21.10
N ASP C 38 15.01 11.96 21.92
CA ASP C 38 16.18 11.25 21.41
C ASP C 38 15.80 10.18 20.40
N TRP C 39 14.62 9.58 20.56
CA TRP C 39 14.14 8.63 19.55
C TRP C 39 13.91 9.34 18.22
N TRP C 40 12.89 10.21 18.17
CA TRP C 40 12.50 10.87 16.93
C TRP C 40 13.68 11.55 16.25
N ARG C 41 14.67 12.02 17.01
CA ARG C 41 15.88 12.57 16.42
C ARG C 41 16.62 11.53 15.60
N GLY C 42 16.56 10.26 16.02
CA GLY C 42 17.22 9.20 15.29
C GLY C 42 16.55 8.88 13.97
N ILE C 43 15.22 8.82 13.96
CA ILE C 43 14.51 8.52 12.72
C ILE C 43 14.64 9.67 11.73
N VAL C 44 14.63 10.92 12.23
CA VAL C 44 14.80 12.07 11.35
C VAL C 44 16.17 12.06 10.70
N GLU C 45 17.19 11.60 11.44
CA GLU C 45 18.54 11.53 10.89
C GLU C 45 18.62 10.51 9.76
N GLN C 46 17.89 9.40 9.87
CA GLN C 46 17.98 8.33 8.89
C GLN C 46 16.89 8.37 7.83
N CYS C 47 15.75 8.97 8.12
CA CYS C 47 14.65 9.02 7.16
C CYS C 47 14.43 10.38 6.53
N CYS C 48 14.70 11.47 7.26
CA CYS C 48 14.54 12.81 6.71
C CYS C 48 15.85 13.32 6.11
N THR C 49 16.91 13.37 6.93
CA THR C 49 18.21 13.81 6.42
C THR C 49 18.79 12.78 5.45
N SER C 50 18.93 11.55 5.91
CA SER C 50 19.44 10.47 5.06
C SER C 50 18.25 9.81 4.35
N ILE C 51 18.46 8.62 3.78
CA ILE C 51 17.40 7.88 3.10
C ILE C 51 17.22 6.55 3.83
N CYS C 52 16.01 6.30 4.30
CA CYS C 52 15.67 5.06 4.99
C CYS C 52 14.64 4.29 4.17
N SER C 53 14.80 2.97 4.14
CA SER C 53 13.85 2.11 3.46
C SER C 53 12.66 1.82 4.39
N LEU C 54 11.63 1.20 3.81
CA LEU C 54 10.47 0.81 4.61
C LEU C 54 10.84 -0.21 5.68
N TYR C 55 11.80 -1.09 5.37
CA TYR C 55 12.24 -2.07 6.36
C TYR C 55 12.98 -1.40 7.52
N GLN C 56 13.84 -0.42 7.21
CA GLN C 56 14.52 0.33 8.26
C GLN C 56 13.52 1.03 9.17
N LEU C 57 12.44 1.55 8.59
CA LEU C 57 11.42 2.21 9.39
C LEU C 57 10.64 1.22 10.24
N GLU C 58 10.55 -0.04 9.80
CA GLU C 58 9.84 -1.05 10.57
C GLU C 58 10.57 -1.39 11.87
N ASN C 59 11.91 -1.34 11.86
CA ASN C 59 12.67 -1.70 13.05
C ASN C 59 12.50 -0.68 14.16
N TYR C 60 12.20 0.57 13.82
CA TYR C 60 12.05 1.60 14.84
C TYR C 60 10.82 1.39 15.72
N CYS C 61 9.80 0.69 15.21
CA CYS C 61 8.60 0.47 16.00
C CYS C 61 8.83 -0.50 17.14
N ASN C 62 9.78 -1.42 16.99
CA ASN C 62 10.08 -2.40 18.02
C ASN C 62 11.52 -2.25 18.51
N GLU D 9 -25.36 -15.21 15.66
CA GLU D 9 -24.08 -15.89 15.83
C GLU D 9 -23.83 -16.86 14.69
N GLN D 10 -22.91 -16.48 13.79
CA GLN D 10 -22.62 -17.31 12.62
C GLN D 10 -21.29 -16.85 12.03
N HIS D 11 -20.83 -17.57 11.01
CA HIS D 11 -19.55 -17.28 10.38
C HIS D 11 -19.64 -15.98 9.58
N LEU D 12 -18.76 -15.03 9.89
CA LEU D 12 -18.68 -13.75 9.20
C LEU D 12 -17.36 -13.70 8.44
N CYS D 13 -17.45 -13.69 7.12
CA CYS D 13 -16.27 -13.73 6.26
C CYS D 13 -16.35 -12.63 5.20
N GLY D 14 -15.19 -12.28 4.67
CA GLY D 14 -15.13 -11.32 3.57
C GLY D 14 -15.68 -9.97 3.98
N SER D 15 -16.52 -9.40 3.10
CA SER D 15 -17.11 -8.10 3.37
C SER D 15 -18.06 -8.13 4.56
N HIS D 16 -18.63 -9.29 4.89
CA HIS D 16 -19.55 -9.37 6.02
C HIS D 16 -18.82 -9.22 7.34
N LEU D 17 -17.58 -9.71 7.43
CA LEU D 17 -16.81 -9.49 8.65
C LEU D 17 -16.36 -8.04 8.76
N VAL D 18 -15.93 -7.45 7.64
CA VAL D 18 -15.59 -6.03 7.62
C VAL D 18 -16.80 -5.18 8.01
N GLU D 19 -17.98 -5.54 7.47
CA GLU D 19 -19.19 -4.79 7.80
C GLU D 19 -19.61 -5.04 9.24
N ALA D 20 -19.41 -6.27 9.75
CA ALA D 20 -19.68 -6.53 11.15
C ALA D 20 -18.75 -5.73 12.06
N LEU D 21 -17.51 -5.52 11.61
CA LEU D 21 -16.59 -4.66 12.36
C LEU D 21 -17.04 -3.21 12.35
N TYR D 22 -17.47 -2.70 11.20
CA TYR D 22 -17.93 -1.33 11.12
C TYR D 22 -19.19 -1.13 11.96
N LEU D 23 -20.09 -2.12 11.95
CA LEU D 23 -21.37 -1.97 12.64
C LEU D 23 -21.20 -2.04 14.16
N VAL D 24 -20.41 -3.01 14.63
CA VAL D 24 -20.27 -3.22 16.07
C VAL D 24 -19.50 -2.07 16.70
N CYS D 25 -18.29 -1.81 16.21
CA CYS D 25 -17.50 -0.68 16.70
C CYS D 25 -17.98 0.57 15.97
N GLY D 26 -19.00 1.21 16.55
CA GLY D 26 -19.52 2.45 16.00
C GLY D 26 -18.51 3.57 16.04
N GLU D 27 -17.42 3.39 15.27
CA GLU D 27 -16.29 4.31 15.29
C GLU D 27 -16.07 4.86 13.89
N ARG D 28 -15.95 6.18 13.78
CA ARG D 28 -15.51 6.78 12.54
C ARG D 28 -14.01 6.54 12.37
N GLY D 29 -13.60 6.34 11.12
CA GLY D 29 -12.20 6.09 10.84
C GLY D 29 -11.67 4.78 11.38
N PHE D 30 -12.53 3.77 11.52
CA PHE D 30 -12.08 2.48 12.03
C PHE D 30 -11.03 1.86 11.12
N PHE D 31 -11.23 1.94 9.80
CA PHE D 31 -10.38 1.24 8.85
C PHE D 31 -9.15 2.03 8.46
N GLU D 32 -9.14 3.34 8.65
CA GLU D 32 -7.90 4.10 8.54
C GLU D 32 -7.07 4.05 9.81
N THR D 33 -7.59 3.41 10.86
CA THR D 33 -6.81 3.10 12.05
C THR D 33 -6.07 1.79 11.79
N PRO D 34 -4.75 1.80 11.64
CA PRO D 34 -4.05 0.57 11.23
C PRO D 34 -4.02 -0.46 12.35
N ARG D 35 -4.26 -1.71 11.98
N ARG D 35 -4.26 -1.71 11.98
CA ARG D 35 -4.21 -2.83 12.90
CA ARG D 35 -4.21 -2.84 12.89
C ARG D 35 -3.15 -3.83 12.45
C ARG D 35 -3.12 -3.80 12.45
N SER D 36 -2.57 -4.55 13.41
CA SER D 36 -1.51 -5.49 13.12
C SER D 36 -2.02 -6.67 12.31
N GLU D 37 -1.09 -7.39 11.68
CA GLU D 37 -1.45 -8.56 10.90
C GLU D 37 -1.94 -9.70 11.80
N ASP D 38 -1.37 -9.83 13.00
CA ASP D 38 -1.87 -10.83 13.93
C ASP D 38 -3.28 -10.53 14.39
N TRP D 39 -3.64 -9.23 14.48
CA TRP D 39 -5.00 -8.86 14.81
C TRP D 39 -5.97 -9.31 13.72
N TRP D 40 -5.62 -9.04 12.46
CA TRP D 40 -6.48 -9.44 11.35
C TRP D 40 -6.53 -10.96 11.21
N ARG D 41 -5.39 -11.63 11.33
CA ARG D 41 -5.37 -13.09 11.28
C ARG D 41 -6.17 -13.68 12.43
N GLY D 42 -6.11 -13.04 13.61
CA GLY D 42 -6.82 -13.57 14.75
C GLY D 42 -8.33 -13.52 14.59
N ILE D 43 -8.86 -12.34 14.27
CA ILE D 43 -10.31 -12.17 14.18
C ILE D 43 -10.89 -13.01 13.05
N VAL D 44 -10.12 -13.26 12.00
CA VAL D 44 -10.61 -14.11 10.92
C VAL D 44 -10.78 -15.54 11.39
N GLU D 45 -9.82 -16.03 12.19
CA GLU D 45 -9.90 -17.41 12.67
C GLU D 45 -10.98 -17.61 13.71
N GLN D 46 -11.41 -16.54 14.40
CA GLN D 46 -12.43 -16.66 15.43
C GLN D 46 -13.83 -16.31 14.94
N CYS D 47 -13.95 -15.51 13.88
CA CYS D 47 -15.25 -15.08 13.40
C CYS D 47 -15.59 -15.59 12.00
N CYS D 48 -14.60 -15.96 11.20
CA CYS D 48 -14.84 -16.56 9.89
C CYS D 48 -14.59 -18.06 9.87
N THR D 49 -13.48 -18.52 10.48
CA THR D 49 -13.24 -19.94 10.60
C THR D 49 -14.18 -20.57 11.62
N SER D 50 -14.19 -20.04 12.84
CA SER D 50 -15.13 -20.44 13.87
C SER D 50 -16.17 -19.34 14.06
N ILE D 51 -17.13 -19.60 14.93
CA ILE D 51 -18.22 -18.66 15.21
C ILE D 51 -17.85 -17.84 16.44
N CYS D 52 -17.99 -16.51 16.31
CA CYS D 52 -17.75 -15.59 17.42
C CYS D 52 -19.03 -14.82 17.72
N SER D 53 -19.18 -14.44 18.99
CA SER D 53 -20.33 -13.67 19.42
C SER D 53 -20.03 -12.17 19.36
N LEU D 54 -21.05 -11.36 19.63
CA LEU D 54 -20.87 -9.92 19.61
C LEU D 54 -19.91 -9.45 20.69
N TYR D 55 -19.88 -10.14 21.82
CA TYR D 55 -18.90 -9.82 22.87
C TYR D 55 -17.49 -10.01 22.35
N GLN D 56 -17.24 -11.12 21.66
CA GLN D 56 -15.92 -11.34 21.07
C GLN D 56 -15.62 -10.29 20.01
N LEU D 57 -16.62 -9.92 19.21
CA LEU D 57 -16.43 -8.87 18.21
C LEU D 57 -16.19 -7.52 18.86
N GLU D 58 -16.87 -7.24 19.98
CA GLU D 58 -16.67 -5.97 20.67
C GLU D 58 -15.26 -5.85 21.23
N ASN D 59 -14.66 -6.97 21.65
CA ASN D 59 -13.32 -6.93 22.22
C ASN D 59 -12.26 -6.64 21.18
N TYR D 60 -12.50 -6.95 19.91
CA TYR D 60 -11.55 -6.60 18.86
C TYR D 60 -11.59 -5.11 18.54
N CYS D 61 -12.70 -4.43 18.86
CA CYS D 61 -12.77 -2.99 18.64
C CYS D 61 -11.81 -2.23 19.54
N ASN D 62 -11.52 -2.78 20.73
CA ASN D 62 -10.57 -2.18 21.66
C ASN D 62 -9.18 -2.79 21.57
N LYS D 63 -9.04 -3.93 20.91
CA LYS D 63 -7.74 -4.57 20.75
C LYS D 63 -6.88 -3.81 19.75
N GLU E 9 9.56 11.02 -14.91
CA GLU E 9 9.24 12.43 -14.75
C GLU E 9 9.54 12.91 -13.34
N GLN E 10 9.64 14.23 -13.17
CA GLN E 10 9.93 14.80 -11.87
C GLN E 10 8.78 15.67 -11.39
N HIS E 11 9.10 16.77 -10.69
CA HIS E 11 8.09 17.71 -10.23
C HIS E 11 7.65 18.58 -11.40
N LEU E 12 6.46 18.32 -11.93
CA LEU E 12 5.92 19.05 -13.07
C LEU E 12 4.84 19.99 -12.56
N CYS E 13 5.10 21.30 -12.66
CA CYS E 13 4.22 22.32 -12.12
C CYS E 13 3.90 23.35 -13.18
N GLY E 14 2.67 23.84 -13.17
CA GLY E 14 2.28 24.97 -14.02
C GLY E 14 2.48 24.67 -15.48
N SER E 15 3.35 25.46 -16.12
CA SER E 15 3.58 25.31 -17.56
C SER E 15 4.15 23.95 -17.89
N HIS E 16 5.04 23.42 -17.03
CA HIS E 16 5.60 22.09 -17.28
C HIS E 16 4.53 21.02 -17.16
N LEU E 17 3.52 21.23 -16.32
CA LEU E 17 2.43 20.27 -16.21
C LEU E 17 1.51 20.32 -17.41
N VAL E 18 1.43 21.48 -18.09
CA VAL E 18 0.56 21.59 -19.24
C VAL E 18 1.08 20.76 -20.40
N GLU E 19 2.41 20.69 -20.56
CA GLU E 19 2.98 19.82 -21.59
C GLU E 19 2.76 18.35 -21.25
N ALA E 20 3.18 17.93 -20.05
CA ALA E 20 3.07 16.54 -19.65
C ALA E 20 1.64 16.04 -19.76
N LEU E 21 0.67 16.89 -19.48
CA LEU E 21 -0.73 16.50 -19.67
C LEU E 21 -1.08 16.46 -21.15
N TYR E 22 -0.63 17.43 -21.93
CA TYR E 22 -0.94 17.43 -23.35
C TYR E 22 -0.08 16.43 -24.11
N LEU E 23 1.20 16.28 -23.73
CA LEU E 23 2.06 15.33 -24.41
C LEU E 23 1.57 13.90 -24.25
N VAL E 24 0.84 13.62 -23.18
CA VAL E 24 0.32 12.29 -22.90
C VAL E 24 -1.12 12.13 -23.38
N CYS E 25 -1.96 13.11 -23.09
CA CYS E 25 -3.36 13.02 -23.50
C CYS E 25 -3.58 13.45 -24.95
N GLY E 26 -2.77 14.39 -25.44
CA GLY E 26 -2.99 14.92 -26.76
C GLY E 26 -4.26 15.76 -26.81
N GLU E 27 -4.65 16.11 -28.04
CA GLU E 27 -5.93 16.79 -28.24
C GLU E 27 -7.10 15.90 -27.86
N ARG E 28 -6.91 14.58 -27.93
CA ARG E 28 -7.99 13.65 -27.61
C ARG E 28 -8.35 13.70 -26.13
N GLY E 29 -7.37 13.90 -25.26
CA GLY E 29 -7.61 13.89 -23.84
C GLY E 29 -7.73 15.27 -23.22
N PHE E 30 -7.23 16.29 -23.92
CA PHE E 30 -7.28 17.65 -23.40
C PHE E 30 -8.53 18.40 -23.82
N PHE E 31 -9.12 18.06 -24.97
CA PHE E 31 -10.31 18.72 -25.49
C PHE E 31 -11.31 17.64 -25.88
N GLU E 32 -12.10 17.18 -24.91
CA GLU E 32 -13.12 16.16 -25.15
C GLU E 32 -14.11 16.12 -24.00
N THR E 33 -13.62 16.34 -22.78
CA THR E 33 -14.42 16.32 -21.57
C THR E 33 -14.21 17.62 -20.81
N PRO E 34 -15.26 18.16 -20.17
CA PRO E 34 -15.09 19.38 -19.37
C PRO E 34 -13.97 19.23 -18.35
N ARG E 35 -13.30 20.36 -18.06
CA ARG E 35 -12.10 20.37 -17.23
C ARG E 35 -12.32 21.12 -15.92
N SER E 36 -12.50 22.45 -15.99
CA SER E 36 -12.68 23.31 -14.82
C SER E 36 -11.41 23.36 -13.96
N GLU E 37 -11.34 24.35 -13.07
CA GLU E 37 -10.12 24.55 -12.28
C GLU E 37 -10.01 23.56 -11.13
N ASP E 38 -11.14 23.12 -10.56
CA ASP E 38 -11.07 22.19 -9.43
C ASP E 38 -10.48 20.86 -9.83
N TRP E 39 -10.83 20.37 -11.02
CA TRP E 39 -10.22 19.14 -11.51
C TRP E 39 -8.73 19.34 -11.80
N TRP E 40 -8.37 20.50 -12.33
CA TRP E 40 -6.98 20.76 -12.68
C TRP E 40 -6.07 20.67 -11.45
N ARG E 41 -6.55 21.18 -10.31
CA ARG E 41 -5.76 21.10 -9.08
C ARG E 41 -5.55 19.67 -8.62
N GLY E 42 -6.34 18.71 -9.12
CA GLY E 42 -6.11 17.32 -8.78
C GLY E 42 -4.83 16.78 -9.35
N ILE E 43 -4.42 17.25 -10.52
CA ILE E 43 -3.14 16.83 -11.10
C ILE E 43 -2.00 17.63 -10.49
N VAL E 44 -2.23 18.90 -10.15
CA VAL E 44 -1.20 19.69 -9.48
C VAL E 44 -0.90 19.12 -8.09
N GLU E 45 -1.88 18.46 -7.48
CA GLU E 45 -1.66 17.85 -6.17
C GLU E 45 -0.79 16.60 -6.29
N GLN E 46 -1.00 15.81 -7.34
CA GLN E 46 -0.30 14.55 -7.51
C GLN E 46 1.02 14.70 -8.26
N CYS E 47 1.07 15.55 -9.27
CA CYS E 47 2.25 15.67 -10.11
C CYS E 47 3.18 16.82 -9.72
N CYS E 48 2.63 17.92 -9.20
CA CYS E 48 3.45 19.07 -8.84
C CYS E 48 3.89 19.02 -7.37
N THR E 49 2.94 18.82 -6.46
CA THR E 49 3.30 18.69 -5.04
C THR E 49 4.09 17.42 -4.79
N SER E 50 3.57 16.28 -5.23
CA SER E 50 4.27 15.01 -5.16
C SER E 50 4.89 14.71 -6.53
N ILE E 51 5.13 13.44 -6.81
CA ILE E 51 5.68 13.00 -8.08
C ILE E 51 4.76 11.93 -8.67
N CYS E 52 4.31 12.16 -9.91
CA CYS E 52 3.46 11.22 -10.61
C CYS E 52 4.23 10.58 -11.77
N SER E 53 3.74 9.43 -12.21
CA SER E 53 4.38 8.66 -13.25
C SER E 53 3.69 8.88 -14.60
N LEU E 54 4.26 8.28 -15.63
CA LEU E 54 3.65 8.33 -16.96
C LEU E 54 2.25 7.73 -16.95
N TYR E 55 2.07 6.64 -16.20
CA TYR E 55 0.77 5.97 -16.15
C TYR E 55 -0.25 6.73 -15.31
N GLN E 56 0.22 7.53 -14.35
CA GLN E 56 -0.70 8.40 -13.61
C GLN E 56 -1.24 9.49 -14.50
N LEU E 57 -0.42 9.99 -15.43
CA LEU E 57 -0.91 10.95 -16.41
C LEU E 57 -1.84 10.29 -17.42
N GLU E 58 -1.63 9.01 -17.70
CA GLU E 58 -2.50 8.30 -18.64
C GLU E 58 -3.92 8.19 -18.11
N ASN E 59 -4.08 8.00 -16.80
CA ASN E 59 -5.39 7.87 -16.21
C ASN E 59 -6.12 9.21 -16.08
N TYR E 60 -5.39 10.33 -16.14
CA TYR E 60 -6.00 11.64 -16.00
C TYR E 60 -6.66 12.13 -17.28
N CYS E 61 -6.42 11.47 -18.42
CA CYS E 61 -7.02 11.87 -19.69
C CYS E 61 -8.46 11.39 -19.84
N ASN E 62 -8.97 10.59 -18.91
CA ASN E 62 -10.32 10.06 -19.01
C ASN E 62 -11.26 10.76 -18.04
#